data_7YJW
#
_entry.id   7YJW
#
_cell.length_a   65.713
_cell.length_b   78.862
_cell.length_c   66.578
_cell.angle_alpha   90.000
_cell.angle_beta   106.030
_cell.angle_gamma   90.000
#
_symmetry.space_group_name_H-M   'P 1 21 1'
#
_entity_poly.entity_id   1
_entity_poly.type   'polypeptide(L)'
_entity_poly.pdbx_seq_one_letter_code
;MNPHSIVKIISLCFFWIPICLVCKIREEKGTYKNLEEALRNPDKVFVLKMKGTERTKLVTLSREIVRFQNLKELDLEGNQ
LKEFPKEIGNLKNLRKLDLSENPLMFFPKEITNLESLEELNISGTELTIIPKEIGNMNGLLRLYLDENPFSELPKEIGNL
KNVLRLYLSNTFLKTLPKEIGEMQSLEELNATGTSLSKLPKEIGNLKNLSNLNLSRTELTTLPKEIGGLRNVRLLYLETS
RLELLPKEIGNLRNLEELYLYQNRITELPKEIGNLQNLKLLHLNGNLLETLPKEIGNLKNLKLLHLSKNRFSPEERKRIR
QLLPNCEIYF
;
_entity_poly.pdbx_strand_id   A,B
#
# COMPACT_ATOMS: atom_id res chain seq x y z
N GLY A 30 35.99 8.66 -22.86
CA GLY A 30 35.47 7.60 -21.99
C GLY A 30 36.54 7.17 -20.99
N THR A 31 36.20 6.21 -20.13
CA THR A 31 37.08 5.78 -19.05
C THR A 31 36.61 4.45 -18.50
N TYR A 32 37.33 3.95 -17.49
CA TYR A 32 36.97 2.71 -16.81
C TYR A 32 37.42 2.81 -15.36
N LYS A 33 37.11 1.76 -14.59
CA LYS A 33 37.55 1.68 -13.20
C LYS A 33 39.07 1.61 -13.13
N ASN A 34 39.65 2.40 -12.22
CA ASN A 34 41.08 2.65 -12.19
C ASN A 34 41.75 1.91 -11.03
N LEU A 35 42.67 1.00 -11.36
CA LEU A 35 43.62 0.44 -10.41
C LEU A 35 45.01 1.01 -10.69
N GLU A 36 45.74 1.33 -9.61
CA GLU A 36 46.90 2.24 -9.59
C GLU A 36 46.53 3.62 -10.12
N GLU A 37 45.25 3.98 -10.01
CA GLU A 37 44.62 5.12 -10.67
C GLU A 37 44.95 5.23 -12.16
N ALA A 38 44.69 4.11 -12.85
CA ALA A 38 44.82 3.91 -14.30
C ALA A 38 46.05 4.54 -14.92
N LEU A 39 47.21 4.24 -14.33
CA LEU A 39 48.55 4.54 -14.85
C LEU A 39 48.80 6.06 -14.93
N ARG A 40 48.55 6.74 -13.81
CA ARG A 40 48.60 8.19 -13.54
C ARG A 40 47.58 9.01 -14.35
N ASN A 41 46.78 8.37 -15.20
CA ASN A 41 45.76 8.96 -16.07
C ASN A 41 46.30 10.13 -16.92
N VAL A 45 43.36 14.37 -17.57
CA VAL A 45 42.51 14.87 -18.64
C VAL A 45 41.60 13.69 -19.05
N PHE A 46 41.22 12.92 -18.03
CA PHE A 46 40.47 11.68 -18.16
C PHE A 46 39.00 12.02 -17.83
N VAL A 47 38.05 11.45 -18.58
CA VAL A 47 36.72 12.05 -18.70
C VAL A 47 35.59 11.35 -17.89
N LEU A 48 35.69 10.05 -17.62
CA LEU A 48 34.66 9.34 -16.84
C LEU A 48 35.31 8.69 -15.61
N LYS A 49 34.56 7.83 -14.92
CA LYS A 49 35.03 7.30 -13.62
C LYS A 49 34.49 5.87 -13.43
N MET A 50 34.54 5.36 -12.19
CA MET A 50 34.59 3.95 -11.79
C MET A 50 33.20 3.32 -11.71
N LYS A 51 33.11 2.17 -11.03
CA LYS A 51 31.87 1.48 -10.71
C LYS A 51 32.11 0.65 -9.44
N GLY A 52 31.05 0.00 -8.95
CA GLY A 52 31.13 -0.91 -7.83
C GLY A 52 30.57 -2.30 -8.13
N THR A 53 31.34 -3.36 -7.83
CA THR A 53 30.95 -4.75 -8.02
C THR A 53 30.91 -5.51 -6.68
N GLU A 54 30.83 -6.84 -6.78
CA GLU A 54 30.76 -7.71 -5.61
C GLU A 54 32.03 -7.64 -4.76
N ARG A 55 33.19 -7.76 -5.39
CA ARG A 55 34.45 -7.85 -4.66
C ARG A 55 35.23 -6.54 -4.60
N THR A 56 34.65 -5.43 -5.05
CA THR A 56 35.27 -4.12 -4.90
C THR A 56 34.55 -3.40 -3.76
N LYS A 57 35.20 -3.37 -2.60
CA LYS A 57 34.62 -2.72 -1.43
C LYS A 57 34.58 -1.20 -1.63
N LEU A 58 35.77 -0.58 -1.74
CA LEU A 58 35.96 0.86 -1.98
C LEU A 58 35.25 1.72 -0.92
N VAL A 59 35.78 1.60 0.30
CA VAL A 59 35.20 2.28 1.47
C VAL A 59 35.20 3.79 1.31
N THR A 60 36.33 4.36 0.88
CA THR A 60 36.48 5.80 0.79
C THR A 60 37.07 6.20 -0.56
N LEU A 61 36.78 7.43 -0.97
CA LEU A 61 37.45 8.04 -2.11
C LEU A 61 38.72 8.73 -1.64
N SER A 62 39.80 8.50 -2.38
CA SER A 62 41.03 9.23 -2.16
C SER A 62 40.83 10.69 -2.49
N ARG A 63 41.60 11.55 -1.82
CA ARG A 63 41.42 12.99 -1.99
C ARG A 63 42.05 13.51 -3.29
N GLU A 64 42.71 12.65 -4.08
CA GLU A 64 43.32 13.06 -5.34
C GLU A 64 42.32 12.99 -6.50
N ILE A 65 41.28 13.82 -6.37
CA ILE A 65 40.22 13.88 -7.36
C ILE A 65 40.23 15.21 -8.10
N VAL A 66 40.73 16.27 -7.46
CA VAL A 66 40.77 17.62 -8.03
C VAL A 66 41.66 17.67 -9.28
N ARG A 67 42.60 16.71 -9.39
CA ARG A 67 43.57 16.70 -10.48
C ARG A 67 42.92 16.49 -11.85
N PHE A 68 41.79 15.79 -11.92
CA PHE A 68 41.30 15.34 -13.21
C PHE A 68 40.76 16.47 -14.07
N GLN A 69 39.99 17.39 -13.49
CA GLN A 69 39.57 18.70 -14.03
C GLN A 69 38.83 18.61 -15.37
N ASN A 70 38.55 17.40 -15.87
CA ASN A 70 37.88 17.18 -17.15
C ASN A 70 36.76 16.15 -16.98
N LEU A 71 36.36 15.88 -15.73
CA LEU A 71 35.29 14.94 -15.47
C LEU A 71 33.95 15.51 -15.94
N LYS A 72 33.26 14.75 -16.80
CA LYS A 72 31.87 15.08 -17.14
C LYS A 72 30.87 14.14 -16.50
N GLU A 73 31.27 12.90 -16.28
CA GLU A 73 30.46 11.88 -15.60
C GLU A 73 31.30 11.19 -14.55
N LEU A 74 30.67 10.85 -13.42
CA LEU A 74 31.35 10.14 -12.34
C LEU A 74 30.36 9.19 -11.71
N ASP A 75 30.60 7.88 -11.80
CA ASP A 75 29.68 6.86 -11.31
C ASP A 75 30.28 6.12 -10.13
N LEU A 76 29.52 5.99 -9.05
CA LEU A 76 29.94 5.26 -7.86
C LEU A 76 28.85 4.33 -7.38
N GLU A 77 28.14 3.71 -8.33
CA GLU A 77 27.00 2.85 -8.01
C GLU A 77 27.45 1.57 -7.31
N GLY A 78 26.84 1.29 -6.17
CA GLY A 78 27.09 0.04 -5.47
C GLY A 78 28.29 0.04 -4.54
N ASN A 79 29.10 1.09 -4.55
CA ASN A 79 30.25 1.16 -3.65
C ASN A 79 29.75 1.36 -2.23
N GLN A 80 30.45 0.76 -1.26
CA GLN A 80 30.06 0.89 0.15
C GLN A 80 30.68 2.17 0.72
N LEU A 81 30.20 3.29 0.20
CA LEU A 81 30.72 4.61 0.56
C LEU A 81 29.97 5.18 1.74
N LYS A 82 30.69 5.52 2.81
CA LYS A 82 30.06 6.05 4.01
C LYS A 82 30.39 7.51 4.31
N GLU A 83 31.26 8.13 3.52
CA GLU A 83 31.70 9.51 3.74
C GLU A 83 32.29 10.05 2.44
N PHE A 84 32.21 11.37 2.27
CA PHE A 84 32.90 12.04 1.18
C PHE A 84 33.81 13.14 1.70
N PRO A 85 35.02 13.27 1.15
CA PRO A 85 35.85 14.43 1.50
C PRO A 85 35.30 15.69 0.85
N LYS A 86 35.85 16.84 1.26
CA LYS A 86 35.39 18.10 0.69
C LYS A 86 36.06 18.42 -0.64
N GLU A 87 37.03 17.60 -1.06
CA GLU A 87 37.72 17.83 -2.33
C GLU A 87 36.82 17.53 -3.51
N ILE A 88 35.74 16.76 -3.30
CA ILE A 88 34.75 16.46 -4.34
C ILE A 88 34.11 17.74 -4.85
N GLY A 89 33.93 18.72 -3.97
CA GLY A 89 33.20 19.93 -4.31
C GLY A 89 33.98 20.91 -5.16
N ASN A 90 35.30 20.74 -5.26
CA ASN A 90 36.14 21.72 -5.94
C ASN A 90 36.06 21.62 -7.46
N LEU A 91 35.41 20.58 -8.00
CA LEU A 91 35.27 20.39 -9.44
C LEU A 91 33.99 21.04 -9.94
N LYS A 92 34.08 22.31 -10.35
CA LYS A 92 32.94 23.05 -10.87
C LYS A 92 32.64 22.72 -12.32
N ASN A 93 33.46 21.90 -12.97
CA ASN A 93 33.27 21.49 -14.35
C ASN A 93 32.65 20.10 -14.49
N LEU A 94 32.31 19.45 -13.38
CA LEU A 94 31.65 18.15 -13.38
C LEU A 94 30.15 18.34 -13.60
N ARG A 95 29.57 17.52 -14.47
CA ARG A 95 28.15 17.68 -14.79
C ARG A 95 27.25 16.53 -14.36
N LYS A 96 27.76 15.29 -14.27
CA LYS A 96 26.97 14.15 -13.83
C LYS A 96 27.70 13.38 -12.74
N LEU A 97 26.99 13.13 -11.64
CA LEU A 97 27.54 12.37 -10.50
C LEU A 97 26.50 11.34 -10.06
N ASP A 98 26.89 10.08 -9.93
CA ASP A 98 25.99 9.01 -9.51
C ASP A 98 26.51 8.34 -8.24
N LEU A 99 25.72 8.41 -7.18
CA LEU A 99 26.00 7.77 -5.91
C LEU A 99 24.97 6.70 -5.59
N SER A 100 24.56 5.89 -6.57
CA SER A 100 23.54 4.88 -6.29
C SER A 100 24.08 3.78 -5.36
N GLU A 101 23.18 3.24 -4.53
CA GLU A 101 23.43 2.07 -3.67
C GLU A 101 24.67 2.26 -2.77
N ASN A 102 24.76 3.42 -2.13
CA ASN A 102 25.86 3.66 -1.21
C ASN A 102 25.31 3.86 0.19
N PRO A 103 25.74 3.11 1.19
CA PRO A 103 25.18 3.30 2.54
C PRO A 103 25.66 4.55 3.25
N LEU A 104 25.43 5.71 2.64
CA LEU A 104 25.68 6.99 3.27
C LEU A 104 24.38 7.41 3.95
N MET A 105 24.44 7.60 5.28
CA MET A 105 23.21 7.78 6.04
C MET A 105 22.69 9.20 5.97
N PHE A 106 23.51 10.13 5.53
CA PHE A 106 23.15 11.53 5.44
C PHE A 106 23.65 12.07 4.11
N PHE A 107 22.87 12.97 3.53
CA PHE A 107 23.21 13.59 2.26
C PHE A 107 24.53 14.34 2.39
N PRO A 108 25.48 14.14 1.47
CA PRO A 108 26.76 14.87 1.55
C PRO A 108 26.58 16.34 1.22
N LYS A 109 26.92 17.21 2.19
CA LYS A 109 26.89 18.65 1.95
C LYS A 109 28.01 19.08 1.01
N GLU A 110 29.00 18.22 0.78
CA GLU A 110 30.11 18.55 -0.11
C GLU A 110 29.67 18.72 -1.56
N ILE A 111 28.62 18.03 -1.97
CA ILE A 111 28.20 18.11 -3.37
C ILE A 111 27.24 19.24 -3.64
N THR A 112 26.65 19.87 -2.61
CA THR A 112 25.67 20.91 -2.86
C THR A 112 26.30 22.20 -3.36
N ASN A 113 27.63 22.32 -3.28
CA ASN A 113 28.33 23.48 -3.80
C ASN A 113 28.66 23.36 -5.28
N LEU A 114 28.28 22.26 -5.93
CA LEU A 114 28.43 22.13 -7.38
C LEU A 114 27.23 22.81 -8.03
N GLU A 115 27.36 24.11 -8.27
CA GLU A 115 26.27 24.92 -8.81
C GLU A 115 25.96 24.61 -10.27
N SER A 116 26.82 23.87 -10.96
CA SER A 116 26.56 23.54 -12.36
C SER A 116 26.61 22.04 -12.56
N LEU A 117 25.78 21.33 -11.80
CA LEU A 117 25.61 19.89 -11.90
C LEU A 117 24.37 19.60 -12.72
N GLU A 118 24.54 18.95 -13.86
CA GLU A 118 23.39 18.69 -14.71
C GLU A 118 22.51 17.59 -14.10
N GLU A 119 23.13 16.48 -13.69
CA GLU A 119 22.40 15.35 -13.11
C GLU A 119 22.96 14.94 -11.76
N LEU A 120 22.06 14.61 -10.83
CA LEU A 120 22.39 14.01 -9.54
C LEU A 120 21.51 12.81 -9.32
N ASN A 121 22.13 11.67 -9.03
CA ASN A 121 21.42 10.42 -8.72
C ASN A 121 21.90 9.96 -7.35
N ILE A 122 21.14 10.34 -6.33
CA ILE A 122 21.43 10.01 -4.94
C ILE A 122 20.62 8.79 -4.47
N SER A 123 20.07 8.01 -5.42
CA SER A 123 19.19 6.88 -5.11
C SER A 123 19.92 5.79 -4.35
N GLY A 124 19.14 4.97 -3.65
CA GLY A 124 19.70 3.83 -2.95
C GLY A 124 20.52 4.14 -1.72
N THR A 125 20.59 5.40 -1.31
CA THR A 125 21.33 5.82 -0.14
C THR A 125 20.33 6.16 0.94
N GLU A 126 20.49 5.58 2.13
CA GLU A 126 19.49 5.76 3.19
C GLU A 126 19.52 7.20 3.65
N LEU A 127 18.47 7.95 3.29
CA LEU A 127 18.39 9.37 3.60
C LEU A 127 17.09 9.67 4.31
N THR A 128 17.19 10.15 5.54
CA THR A 128 16.00 10.54 6.29
C THR A 128 15.53 11.94 5.95
N ILE A 129 16.45 12.83 5.60
CA ILE A 129 16.09 14.21 5.30
C ILE A 129 16.84 14.64 4.04
N ILE A 130 16.15 15.39 3.20
CA ILE A 130 16.81 16.08 2.09
C ILE A 130 17.22 17.45 2.62
N PRO A 131 18.48 17.86 2.48
CA PRO A 131 18.93 19.13 3.08
C PRO A 131 18.22 20.32 2.50
N LYS A 132 18.08 21.35 3.34
CA LYS A 132 17.42 22.57 2.93
C LYS A 132 18.27 23.35 1.94
N GLU A 133 19.59 23.12 1.94
CA GLU A 133 20.52 23.76 1.02
C GLU A 133 20.63 23.03 -0.33
N ILE A 134 19.64 22.22 -0.72
CA ILE A 134 19.66 21.60 -2.05
C ILE A 134 19.35 22.63 -3.13
N GLY A 135 18.72 23.76 -2.75
CA GLY A 135 18.45 24.83 -3.69
C GLY A 135 19.67 25.65 -4.08
N ASN A 136 20.79 25.49 -3.36
CA ASN A 136 22.04 26.13 -3.76
C ASN A 136 22.57 25.57 -5.07
N MET A 137 22.24 24.32 -5.41
CA MET A 137 22.69 23.73 -6.66
C MET A 137 22.11 24.47 -7.87
N ASN A 138 20.78 24.47 -7.98
CA ASN A 138 19.93 25.28 -8.88
C ASN A 138 20.26 25.18 -10.37
N GLY A 139 21.19 24.32 -10.74
CA GLY A 139 21.51 24.12 -12.13
C GLY A 139 21.18 22.71 -12.54
N LEU A 140 20.49 21.99 -11.64
CA LEU A 140 20.14 20.59 -11.90
C LEU A 140 19.15 20.50 -13.05
N LEU A 141 19.32 19.46 -13.85
CA LEU A 141 18.35 19.09 -14.88
C LEU A 141 17.56 17.85 -14.47
N ARG A 142 18.25 16.79 -14.10
CA ARG A 142 17.63 15.53 -13.68
C ARG A 142 18.06 15.22 -12.27
N LEU A 143 17.09 15.09 -11.36
CA LEU A 143 17.33 14.78 -9.96
C LEU A 143 16.63 13.47 -9.63
N TYR A 144 17.40 12.50 -9.16
CA TYR A 144 16.92 11.16 -8.84
C TYR A 144 17.07 11.01 -7.33
N LEU A 145 15.99 11.32 -6.60
CA LEU A 145 15.95 11.15 -5.16
C LEU A 145 15.25 9.85 -4.75
N ASP A 146 15.00 8.97 -5.71
CA ASP A 146 14.14 7.81 -5.46
C ASP A 146 14.84 6.75 -4.61
N GLU A 147 14.03 5.85 -4.06
CA GLU A 147 14.42 4.75 -3.16
C GLU A 147 15.13 5.26 -1.92
N ASN A 148 14.63 6.34 -1.33
CA ASN A 148 15.23 6.92 -0.14
C ASN A 148 14.15 7.09 0.92
N PRO A 149 14.48 6.85 2.20
CA PRO A 149 13.44 6.92 3.25
C PRO A 149 13.21 8.32 3.79
N PHE A 150 13.14 9.36 2.97
CA PHE A 150 12.96 10.70 3.53
C PHE A 150 11.49 11.02 3.69
N SER A 151 11.17 11.69 4.79
CA SER A 151 9.79 11.98 5.13
C SER A 151 9.28 13.18 4.32
N GLU A 152 10.02 14.28 4.30
CA GLU A 152 9.55 15.49 3.67
C GLU A 152 10.63 16.06 2.75
N LEU A 153 10.18 16.80 1.74
CA LEU A 153 11.10 17.53 0.89
C LEU A 153 11.17 18.98 1.36
N PRO A 154 12.36 19.57 1.35
CA PRO A 154 12.51 20.95 1.85
C PRO A 154 11.80 21.94 0.94
N LYS A 155 11.44 23.09 1.51
CA LYS A 155 10.73 24.11 0.74
C LYS A 155 11.61 24.76 -0.34
N GLU A 156 12.93 24.59 -0.28
CA GLU A 156 13.84 25.08 -1.32
C GLU A 156 13.83 24.21 -2.58
N ILE A 157 13.02 23.15 -2.61
CA ILE A 157 12.93 22.27 -3.78
C ILE A 157 12.37 23.04 -4.98
N GLY A 158 11.63 24.13 -4.74
CA GLY A 158 11.17 25.02 -5.79
C GLY A 158 12.22 25.97 -6.33
N ASN A 159 13.33 26.17 -5.61
CA ASN A 159 14.42 27.01 -6.11
C ASN A 159 15.10 26.41 -7.33
N LEU A 160 15.04 25.09 -7.50
CA LEU A 160 15.63 24.38 -8.64
C LEU A 160 14.73 24.60 -9.85
N LYS A 161 14.85 25.79 -10.45
CA LYS A 161 13.96 26.15 -11.55
C LYS A 161 14.44 25.63 -12.89
N ASN A 162 15.59 24.97 -12.95
CA ASN A 162 16.07 24.39 -14.18
C ASN A 162 15.86 22.89 -14.25
N VAL A 163 15.19 22.29 -13.25
CA VAL A 163 15.08 20.83 -13.19
C VAL A 163 14.06 20.37 -14.23
N LEU A 164 14.35 19.22 -14.86
CA LEU A 164 13.47 18.66 -15.87
C LEU A 164 12.75 17.41 -15.39
N ARG A 165 13.48 16.45 -14.84
CA ARG A 165 12.93 15.19 -14.37
C ARG A 165 13.32 15.00 -12.91
N LEU A 166 12.31 14.94 -12.04
CA LEU A 166 12.51 14.65 -10.63
C LEU A 166 11.90 13.29 -10.33
N TYR A 167 12.69 12.39 -9.77
CA TYR A 167 12.25 11.03 -9.47
C TYR A 167 12.18 10.87 -7.96
N LEU A 168 10.98 10.61 -7.45
CA LEU A 168 10.77 10.47 -6.02
C LEU A 168 10.19 9.12 -5.68
N SER A 169 10.45 8.13 -6.53
CA SER A 169 9.83 6.81 -6.45
C SER A 169 10.21 6.08 -5.16
N ASN A 170 9.20 5.46 -4.55
CA ASN A 170 9.31 4.58 -3.38
C ASN A 170 9.96 5.28 -2.20
N THR A 171 9.59 6.54 -1.99
CA THR A 171 10.08 7.31 -0.86
C THR A 171 8.95 7.50 0.14
N PHE A 172 9.31 7.91 1.36
CA PHE A 172 8.31 8.08 2.43
C PHE A 172 7.72 9.49 2.44
N LEU A 173 7.19 9.92 1.30
CA LEU A 173 6.65 11.26 1.17
C LEU A 173 5.18 11.25 1.60
N LYS A 174 4.86 11.98 2.68
CA LYS A 174 3.46 12.12 3.05
C LYS A 174 2.74 13.12 2.14
N THR A 175 3.43 14.17 1.68
CA THR A 175 2.86 15.16 0.78
C THR A 175 3.98 15.89 0.05
N LEU A 176 3.65 16.38 -1.14
CA LEU A 176 4.57 17.26 -1.85
C LEU A 176 4.50 18.65 -1.21
N PRO A 177 5.64 19.36 -1.13
CA PRO A 177 5.61 20.70 -0.53
C PRO A 177 4.83 21.67 -1.40
N LYS A 178 4.46 22.80 -0.78
CA LYS A 178 3.74 23.87 -1.46
C LYS A 178 4.55 24.45 -2.61
N GLU A 179 5.88 24.35 -2.52
CA GLU A 179 6.80 24.94 -3.49
C GLU A 179 7.08 24.02 -4.67
N ILE A 180 6.45 22.84 -4.73
CA ILE A 180 6.70 21.90 -5.83
C ILE A 180 6.25 22.49 -7.17
N GLY A 181 5.27 23.41 -7.14
CA GLY A 181 4.84 24.10 -8.34
C GLY A 181 5.72 25.25 -8.77
N GLU A 182 6.76 25.55 -7.99
CA GLU A 182 7.68 26.63 -8.33
C GLU A 182 8.79 26.19 -9.27
N MET A 183 8.84 24.91 -9.64
CA MET A 183 9.93 24.38 -10.45
C MET A 183 9.94 24.89 -11.87
N GLN A 184 8.76 25.18 -12.46
CA GLN A 184 8.56 25.90 -13.72
C GLN A 184 9.05 25.18 -14.98
N SER A 185 9.90 24.17 -14.79
CA SER A 185 10.56 23.52 -15.89
C SER A 185 10.49 22.02 -15.72
N LEU A 186 9.83 21.55 -14.64
CA LEU A 186 9.62 20.13 -14.42
C LEU A 186 8.82 19.58 -15.58
N GLU A 187 9.41 18.63 -16.28
CA GLU A 187 8.81 18.00 -17.43
C GLU A 187 8.35 16.58 -17.16
N GLU A 188 8.99 15.90 -16.20
CA GLU A 188 8.61 14.55 -15.80
C GLU A 188 8.69 14.49 -14.29
N LEU A 189 7.62 14.08 -13.63
CA LEU A 189 7.62 13.88 -12.19
C LEU A 189 7.14 12.47 -11.86
N ASN A 190 7.92 11.73 -11.07
CA ASN A 190 7.57 10.37 -10.66
C ASN A 190 7.53 10.28 -9.15
N ALA A 191 6.43 9.75 -8.63
CA ALA A 191 6.26 9.60 -7.20
C ALA A 191 5.69 8.23 -6.85
N THR A 192 6.06 7.19 -7.60
CA THR A 192 5.48 5.87 -7.41
C THR A 192 5.89 5.26 -6.08
N GLY A 193 4.92 4.65 -5.40
CA GLY A 193 5.19 4.04 -4.12
C GLY A 193 5.20 4.98 -2.95
N THR A 194 5.04 6.28 -3.19
CA THR A 194 5.01 7.25 -2.12
C THR A 194 3.65 7.24 -1.43
N SER A 195 3.66 7.62 -0.15
CA SER A 195 2.45 7.65 0.66
C SER A 195 1.74 9.01 0.53
N LEU A 196 1.44 9.38 -0.70
CA LEU A 196 0.87 10.70 -0.97
C LEU A 196 -0.62 10.65 -0.68
N SER A 197 -1.03 11.24 0.44
CA SER A 197 -2.47 11.30 0.74
C SER A 197 -3.17 12.30 -0.15
N LYS A 198 -2.54 13.45 -0.40
CA LYS A 198 -3.12 14.52 -1.19
C LYS A 198 -2.05 15.10 -2.11
N LEU A 199 -2.50 15.79 -3.16
CA LEU A 199 -1.69 16.60 -4.03
C LEU A 199 -1.89 18.08 -3.70
N PRO A 200 -0.83 18.87 -3.67
CA PRO A 200 -0.96 20.29 -3.35
C PRO A 200 -1.76 21.06 -4.38
N LYS A 201 -2.41 22.13 -3.92
CA LYS A 201 -3.18 22.99 -4.81
C LYS A 201 -2.29 23.78 -5.76
N GLU A 202 -1.00 23.85 -5.49
CA GLU A 202 -0.05 24.56 -6.32
C GLU A 202 0.50 23.71 -7.45
N ILE A 203 0.15 22.41 -7.48
CA ILE A 203 0.64 21.48 -8.50
C ILE A 203 0.20 21.90 -9.89
N GLY A 204 -0.86 22.71 -10.00
CA GLY A 204 -1.32 23.19 -11.27
C GLY A 204 -0.48 24.29 -11.88
N ASN A 205 0.51 24.82 -11.17
CA ASN A 205 1.37 25.84 -11.75
C ASN A 205 2.52 25.26 -12.57
N LEU A 206 2.66 23.93 -12.60
CA LEU A 206 3.71 23.28 -13.38
C LEU A 206 3.25 23.24 -14.83
N LYS A 207 3.54 24.34 -15.54
CA LYS A 207 3.06 24.54 -16.91
C LYS A 207 3.78 23.65 -17.91
N ASN A 208 4.98 23.19 -17.60
CA ASN A 208 5.79 22.39 -18.51
C ASN A 208 5.73 20.89 -18.20
N LEU A 209 4.88 20.47 -17.26
CA LEU A 209 4.82 19.07 -16.84
C LEU A 209 4.24 18.23 -17.95
N SER A 210 4.98 17.21 -18.38
CA SER A 210 4.58 16.34 -19.49
C SER A 210 4.25 14.92 -19.04
N ASN A 211 5.00 14.41 -18.08
CA ASN A 211 4.85 13.06 -17.54
C ASN A 211 4.62 13.18 -16.05
N LEU A 212 3.47 12.71 -15.58
CA LEU A 212 3.18 12.62 -14.16
C LEU A 212 2.90 11.17 -13.83
N ASN A 213 3.64 10.64 -12.86
CA ASN A 213 3.50 9.24 -12.46
C ASN A 213 3.19 9.23 -10.96
N LEU A 214 1.93 9.02 -10.64
CA LEU A 214 1.48 8.92 -9.26
C LEU A 214 0.89 7.54 -8.99
N SER A 215 1.43 6.54 -9.70
CA SER A 215 1.07 5.15 -9.52
C SER A 215 1.47 4.66 -8.13
N ARG A 216 0.70 3.71 -7.59
CA ARG A 216 0.95 3.04 -6.30
C ARG A 216 0.97 4.02 -5.12
N THR A 217 0.30 5.16 -5.28
CA THR A 217 0.20 6.17 -4.24
C THR A 217 -1.08 5.93 -3.46
N GLU A 218 -1.45 6.88 -2.60
CA GLU A 218 -2.67 6.78 -1.79
C GLU A 218 -3.52 8.03 -1.93
N LEU A 219 -3.64 8.57 -3.15
CA LEU A 219 -4.50 9.73 -3.36
C LEU A 219 -5.97 9.32 -3.35
N THR A 220 -6.73 9.85 -2.39
CA THR A 220 -8.17 9.64 -2.40
C THR A 220 -8.83 10.36 -3.58
N THR A 221 -8.33 11.55 -3.93
CA THR A 221 -8.85 12.31 -5.06
C THR A 221 -7.79 13.30 -5.55
N LEU A 222 -8.02 13.84 -6.74
CA LEU A 222 -7.18 14.88 -7.27
C LEU A 222 -7.77 16.25 -6.98
N PRO A 223 -6.93 17.24 -6.66
CA PRO A 223 -7.45 18.59 -6.44
C PRO A 223 -7.98 19.18 -7.74
N LYS A 224 -8.92 20.12 -7.62
CA LYS A 224 -9.50 20.76 -8.79
C LYS A 224 -8.48 21.59 -9.57
N GLU A 225 -7.36 22.01 -8.93
CA GLU A 225 -6.29 22.73 -9.61
C GLU A 225 -5.46 21.86 -10.53
N ILE A 226 -5.80 20.56 -10.69
CA ILE A 226 -5.10 19.70 -11.62
C ILE A 226 -5.34 20.13 -13.07
N GLY A 227 -6.36 20.95 -13.33
CA GLY A 227 -6.62 21.44 -14.66
C GLY A 227 -5.61 22.44 -15.17
N GLY A 228 -4.71 22.91 -14.30
CA GLY A 228 -3.63 23.77 -14.73
C GLY A 228 -2.48 23.06 -15.41
N LEU A 229 -2.48 21.72 -15.43
CA LEU A 229 -1.43 20.95 -16.09
C LEU A 229 -1.65 20.95 -17.60
N ARG A 230 -1.27 22.06 -18.22
CA ARG A 230 -1.56 22.28 -19.64
C ARG A 230 -0.76 21.37 -20.55
N ASN A 231 0.43 20.97 -20.16
CA ASN A 231 1.32 20.27 -21.07
C ASN A 231 1.37 18.76 -20.81
N VAL A 232 0.55 18.24 -19.89
CA VAL A 232 0.59 16.81 -19.54
C VAL A 232 0.05 15.98 -20.69
N ARG A 233 0.86 15.04 -21.17
CA ARG A 233 0.47 14.04 -22.16
C ARG A 233 0.14 12.69 -21.53
N LEU A 234 0.95 12.26 -20.55
CA LEU A 234 0.80 10.96 -19.90
C LEU A 234 0.55 11.16 -18.41
N LEU A 235 -0.57 10.64 -17.91
CA LEU A 235 -0.92 10.68 -16.49
C LEU A 235 -1.10 9.27 -15.97
N TYR A 236 -0.33 8.92 -14.93
CA TYR A 236 -0.31 7.58 -14.39
C TYR A 236 -0.78 7.62 -12.95
N LEU A 237 -1.98 7.08 -12.70
CA LEU A 237 -2.56 7.09 -11.37
C LEU A 237 -3.06 5.71 -10.98
N GLU A 238 -2.51 4.66 -11.60
CA GLU A 238 -2.98 3.31 -11.41
C GLU A 238 -2.54 2.80 -10.04
N THR A 239 -3.23 1.75 -9.59
CA THR A 239 -3.00 1.04 -8.32
C THR A 239 -2.97 1.99 -7.13
N SER A 240 -3.84 2.97 -7.15
CA SER A 240 -3.93 3.93 -6.06
C SER A 240 -5.31 3.81 -5.42
N ARG A 241 -5.64 4.77 -4.56
CA ARG A 241 -6.90 4.76 -3.82
C ARG A 241 -7.85 5.86 -4.28
N LEU A 242 -7.87 6.17 -5.58
CA LEU A 242 -8.71 7.26 -6.10
C LEU A 242 -10.18 6.90 -6.05
N GLU A 243 -10.94 7.66 -5.28
CA GLU A 243 -12.37 7.44 -5.15
C GLU A 243 -13.15 8.18 -6.21
N LEU A 244 -12.62 9.31 -6.67
CA LEU A 244 -13.30 10.18 -7.61
C LEU A 244 -12.29 10.91 -8.47
N LEU A 245 -12.79 11.38 -9.58
CA LEU A 245 -12.03 12.26 -10.45
C LEU A 245 -12.65 13.64 -10.43
N PRO A 246 -11.85 14.69 -10.30
CA PRO A 246 -12.40 16.04 -10.22
C PRO A 246 -13.06 16.46 -11.52
N LYS A 247 -13.92 17.47 -11.40
CA LYS A 247 -14.64 17.98 -12.57
C LYS A 247 -13.71 18.66 -13.57
N GLU A 248 -12.53 19.11 -13.14
CA GLU A 248 -11.68 19.92 -13.98
C GLU A 248 -10.66 19.09 -14.75
N ILE A 249 -10.76 17.76 -14.68
CA ILE A 249 -9.84 16.88 -15.41
C ILE A 249 -10.04 17.04 -16.91
N GLY A 250 -11.23 17.44 -17.34
CA GLY A 250 -11.46 17.68 -18.75
C GLY A 250 -10.78 18.92 -19.30
N ASN A 251 -10.20 19.77 -18.44
CA ASN A 251 -9.41 20.89 -18.95
C ASN A 251 -8.04 20.48 -19.51
N LEU A 252 -7.65 19.20 -19.38
CA LEU A 252 -6.36 18.73 -19.88
C LEU A 252 -6.53 18.33 -21.34
N ARG A 253 -6.49 19.33 -22.24
CA ARG A 253 -6.72 19.07 -23.65
C ARG A 253 -5.53 18.39 -24.32
N ASN A 254 -4.35 18.44 -23.71
CA ASN A 254 -3.17 17.80 -24.24
C ASN A 254 -2.97 16.38 -23.70
N LEU A 255 -3.82 15.94 -22.77
CA LEU A 255 -3.67 14.61 -22.17
C LEU A 255 -4.07 13.54 -23.16
N GLU A 256 -3.20 12.57 -23.36
CA GLU A 256 -3.40 11.52 -24.34
C GLU A 256 -3.61 10.15 -23.74
N GLU A 257 -2.90 9.81 -22.66
CA GLU A 257 -3.01 8.53 -22.00
C GLU A 257 -3.33 8.73 -20.54
N LEU A 258 -4.37 8.06 -20.05
CA LEU A 258 -4.80 8.14 -18.66
C LEU A 258 -4.91 6.72 -18.11
N TYR A 259 -4.08 6.41 -17.12
CA TYR A 259 -4.06 5.10 -16.51
C TYR A 259 -4.63 5.24 -15.11
N LEU A 260 -5.83 4.68 -14.89
CA LEU A 260 -6.49 4.77 -13.60
C LEU A 260 -6.90 3.39 -13.11
N TYR A 261 -6.25 2.34 -13.61
CA TYR A 261 -6.74 1.01 -13.30
C TYR A 261 -6.39 0.62 -11.86
N GLN A 262 -7.17 -0.33 -11.33
CA GLN A 262 -7.05 -0.84 -9.97
C GLN A 262 -7.12 0.30 -8.95
N ASN A 263 -8.11 1.15 -9.11
CA ASN A 263 -8.44 2.22 -8.19
C ASN A 263 -9.82 1.93 -7.61
N ARG A 264 -10.36 2.89 -6.87
CA ARG A 264 -11.66 2.74 -6.21
C ARG A 264 -12.70 3.70 -6.79
N ILE A 265 -12.56 4.02 -8.09
CA ILE A 265 -13.43 5.00 -8.73
C ILE A 265 -14.83 4.44 -8.89
N THR A 266 -15.84 5.22 -8.48
CA THR A 266 -17.23 4.80 -8.57
C THR A 266 -18.00 5.46 -9.71
N GLU A 267 -17.58 6.63 -10.17
CA GLU A 267 -18.20 7.25 -11.33
C GLU A 267 -17.20 8.18 -12.00
N LEU A 268 -17.47 8.50 -13.27
CA LEU A 268 -16.64 9.42 -14.04
C LEU A 268 -17.34 10.76 -14.21
N PRO A 269 -16.60 11.86 -14.21
CA PRO A 269 -17.22 13.17 -14.43
C PRO A 269 -17.72 13.31 -15.85
N LYS A 270 -18.73 14.18 -16.01
CA LYS A 270 -19.27 14.48 -17.33
C LYS A 270 -18.24 15.19 -18.20
N GLU A 271 -17.25 15.86 -17.59
CA GLU A 271 -16.23 16.59 -18.33
C GLU A 271 -15.17 15.68 -18.94
N ILE A 272 -15.28 14.36 -18.74
CA ILE A 272 -14.37 13.39 -19.36
C ILE A 272 -14.46 13.45 -20.89
N GLY A 273 -15.56 13.97 -21.44
CA GLY A 273 -15.71 14.16 -22.87
C GLY A 273 -14.89 15.30 -23.43
N ASN A 274 -14.33 16.16 -22.59
CA ASN A 274 -13.52 17.27 -23.06
C ASN A 274 -12.07 16.89 -23.36
N LEU A 275 -11.66 15.65 -23.07
CA LEU A 275 -10.29 15.21 -23.39
C LEU A 275 -10.24 14.79 -24.85
N GLN A 276 -10.06 15.79 -25.72
CA GLN A 276 -10.10 15.59 -27.17
C GLN A 276 -8.94 14.72 -27.63
N ASN A 277 -7.74 14.91 -27.08
CA ASN A 277 -6.55 14.21 -27.53
C ASN A 277 -6.33 12.88 -26.82
N LEU A 278 -7.22 12.52 -25.89
CA LEU A 278 -7.09 11.25 -25.17
C LEU A 278 -7.35 10.10 -26.13
N LYS A 279 -6.37 9.21 -26.23
CA LYS A 279 -6.47 8.04 -27.08
C LYS A 279 -6.36 6.72 -26.32
N LEU A 280 -5.97 6.74 -25.06
CA LEU A 280 -5.96 5.53 -24.25
C LEU A 280 -6.50 5.86 -22.86
N LEU A 281 -7.56 5.16 -22.46
CA LEU A 281 -8.14 5.26 -21.14
C LEU A 281 -8.19 3.86 -20.55
N HIS A 282 -7.58 3.69 -19.38
CA HIS A 282 -7.45 2.38 -18.73
C HIS A 282 -8.16 2.42 -17.38
N LEU A 283 -9.23 1.62 -17.24
CA LEU A 283 -10.09 1.70 -16.08
C LEU A 283 -10.38 0.33 -15.47
N ASN A 284 -9.40 -0.55 -15.40
CA ASN A 284 -9.62 -1.88 -14.84
C ASN A 284 -9.75 -1.86 -13.32
N GLY A 285 -10.61 -2.71 -12.78
CA GLY A 285 -10.62 -2.95 -11.35
C GLY A 285 -11.23 -1.88 -10.49
N ASN A 286 -11.95 -0.92 -11.07
CA ASN A 286 -12.64 0.08 -10.27
C ASN A 286 -14.04 -0.41 -9.91
N LEU A 287 -14.82 0.44 -9.26
CA LEU A 287 -16.19 0.15 -8.87
C LEU A 287 -17.23 0.83 -9.76
N LEU A 288 -16.87 1.15 -11.01
CA LEU A 288 -17.75 1.90 -11.90
C LEU A 288 -19.04 1.15 -12.22
N GLU A 289 -20.17 1.87 -12.14
CA GLU A 289 -21.46 1.31 -12.49
C GLU A 289 -22.06 1.89 -13.76
N THR A 290 -21.60 3.05 -14.22
CA THR A 290 -22.10 3.68 -15.44
C THR A 290 -21.05 4.65 -15.96
N LEU A 291 -21.19 5.00 -17.25
CA LEU A 291 -20.30 5.99 -17.85
C LEU A 291 -21.12 7.15 -18.39
N PRO A 292 -20.58 8.37 -18.36
CA PRO A 292 -21.29 9.52 -18.92
C PRO A 292 -21.48 9.37 -20.42
N LYS A 293 -22.59 9.94 -20.91
CA LYS A 293 -22.91 9.87 -22.33
C LYS A 293 -21.97 10.70 -23.20
N GLU A 294 -21.14 11.55 -22.58
CA GLU A 294 -20.16 12.40 -23.23
C GLU A 294 -18.89 11.67 -23.64
N ILE A 295 -18.75 10.38 -23.27
CA ILE A 295 -17.57 9.63 -23.66
C ILE A 295 -17.52 9.36 -25.16
N GLY A 296 -18.67 9.44 -25.84
CA GLY A 296 -18.73 9.31 -27.29
C GLY A 296 -18.18 10.50 -28.05
N ASN A 297 -17.94 11.62 -27.36
CA ASN A 297 -17.31 12.80 -27.94
C ASN A 297 -15.81 12.61 -28.15
N LEU A 298 -15.24 11.51 -27.65
CA LEU A 298 -13.82 11.24 -27.81
C LEU A 298 -13.60 10.51 -29.12
N LYS A 299 -13.41 11.29 -30.19
CA LYS A 299 -13.16 10.71 -31.50
C LYS A 299 -11.79 10.08 -31.58
N ASN A 300 -10.81 10.61 -30.83
CA ASN A 300 -9.45 10.09 -30.87
C ASN A 300 -9.21 8.93 -29.91
N LEU A 301 -10.20 8.59 -29.07
CA LEU A 301 -10.06 7.48 -28.13
C LEU A 301 -10.07 6.17 -28.92
N LYS A 302 -8.90 5.57 -29.08
CA LYS A 302 -8.79 4.32 -29.84
C LYS A 302 -8.93 3.08 -28.95
N LEU A 303 -8.40 3.11 -27.73
CA LEU A 303 -8.41 1.91 -26.89
C LEU A 303 -8.94 2.25 -25.49
N LEU A 304 -9.85 1.40 -24.99
CA LEU A 304 -10.53 1.56 -23.72
C LEU A 304 -10.57 0.26 -22.93
N HIS A 305 -10.09 0.28 -21.70
CA HIS A 305 -10.18 -0.86 -20.79
C HIS A 305 -11.24 -0.65 -19.72
N LEU A 306 -12.21 -1.55 -19.64
CA LEU A 306 -13.28 -1.44 -18.65
C LEU A 306 -13.53 -2.77 -17.94
N SER A 307 -12.61 -3.72 -18.04
CA SER A 307 -12.80 -5.02 -17.42
C SER A 307 -12.72 -4.90 -15.89
N LYS A 308 -13.28 -5.92 -15.22
CA LYS A 308 -13.36 -6.02 -13.75
C LYS A 308 -14.08 -4.81 -13.14
N ASN A 309 -15.17 -4.39 -13.80
CA ASN A 309 -16.02 -3.27 -13.39
C ASN A 309 -17.47 -3.72 -13.34
N ARG A 310 -18.26 -3.01 -12.52
CA ARG A 310 -19.66 -3.38 -12.31
C ARG A 310 -20.50 -2.79 -13.45
N PHE A 311 -20.44 -3.45 -14.61
CA PHE A 311 -21.24 -3.00 -15.76
C PHE A 311 -22.22 -4.09 -16.12
N SER A 312 -23.52 -3.77 -16.04
CA SER A 312 -24.57 -4.67 -16.46
C SER A 312 -24.56 -4.82 -17.98
N PRO A 313 -25.08 -5.94 -18.51
CA PRO A 313 -25.09 -6.12 -19.98
C PRO A 313 -25.85 -5.04 -20.75
N GLU A 314 -26.85 -4.43 -20.12
CA GLU A 314 -27.57 -3.32 -20.73
C GLU A 314 -26.65 -2.12 -20.91
N GLU A 315 -25.83 -1.82 -19.89
CA GLU A 315 -24.92 -0.69 -19.97
C GLU A 315 -23.69 -0.97 -20.84
N ARG A 316 -23.21 -2.22 -20.89
CA ARG A 316 -22.09 -2.56 -21.78
C ARG A 316 -22.44 -2.35 -23.25
N LYS A 317 -23.68 -2.68 -23.62
CA LYS A 317 -24.15 -2.44 -24.98
C LYS A 317 -24.17 -0.95 -25.30
N ARG A 318 -24.62 -0.12 -24.36
CA ARG A 318 -24.64 1.33 -24.57
C ARG A 318 -23.23 1.90 -24.71
N ILE A 319 -22.28 1.41 -23.91
CA ILE A 319 -20.90 1.92 -23.95
C ILE A 319 -20.22 1.57 -25.28
N ARG A 320 -20.39 0.32 -25.77
CA ARG A 320 -19.87 -0.04 -27.09
C ARG A 320 -20.54 0.78 -28.19
N GLN A 321 -21.84 1.04 -28.05
CA GLN A 321 -22.60 1.81 -29.02
C GLN A 321 -22.12 3.26 -29.10
N LEU A 322 -21.74 3.86 -27.97
CA LEU A 322 -21.39 5.27 -27.90
C LEU A 322 -20.11 5.63 -28.65
N LEU A 323 -19.01 4.97 -28.29
CA LEU A 323 -17.76 5.15 -29.01
C LEU A 323 -17.59 4.04 -30.02
N PRO A 324 -17.85 4.29 -31.30
CA PRO A 324 -17.80 3.19 -32.29
C PRO A 324 -16.42 2.83 -32.84
N ASN A 325 -15.56 3.82 -33.09
CA ASN A 325 -14.21 3.63 -33.62
C ASN A 325 -13.24 3.02 -32.61
N CYS A 326 -13.63 2.93 -31.35
CA CYS A 326 -12.72 2.54 -30.28
C CYS A 326 -12.72 1.03 -30.13
N GLU A 327 -11.53 0.46 -29.96
CA GLU A 327 -11.39 -0.92 -29.55
C GLU A 327 -11.61 -0.96 -28.05
N ILE A 328 -12.66 -1.67 -27.63
CA ILE A 328 -13.11 -1.63 -26.26
C ILE A 328 -13.02 -3.04 -25.66
N TYR A 329 -12.56 -3.11 -24.41
CA TYR A 329 -12.37 -4.36 -23.71
C TYR A 329 -13.14 -4.36 -22.39
N PHE A 330 -13.98 -5.38 -22.19
CA PHE A 330 -14.76 -5.52 -20.96
C PHE A 330 -14.33 -6.72 -20.14
N GLY B 30 -20.90 -37.27 5.27
CA GLY B 30 -20.46 -36.37 4.20
C GLY B 30 -21.29 -36.57 2.93
N THR B 31 -20.91 -35.84 1.88
CA THR B 31 -21.63 -35.87 0.61
C THR B 31 -20.70 -35.34 -0.47
N TYR B 32 -21.20 -35.24 -1.68
CA TYR B 32 -20.41 -34.80 -2.82
C TYR B 32 -21.31 -34.00 -3.76
N LYS B 33 -20.74 -33.61 -4.90
CA LYS B 33 -21.48 -32.85 -5.90
C LYS B 33 -22.70 -33.62 -6.41
N ASN B 34 -23.84 -32.92 -6.48
CA ASN B 34 -25.11 -33.56 -6.75
C ASN B 34 -25.49 -33.27 -8.20
N LEU B 35 -25.39 -34.29 -9.04
CA LEU B 35 -25.97 -34.29 -10.38
C LEU B 35 -27.16 -35.23 -10.37
N GLU B 36 -28.27 -34.78 -10.94
CA GLU B 36 -29.60 -35.40 -10.82
C GLU B 36 -29.94 -35.62 -9.33
N GLU B 37 -29.62 -34.60 -8.52
CA GLU B 37 -29.62 -34.61 -7.05
C GLU B 37 -29.03 -35.88 -6.43
N ALA B 38 -27.88 -36.31 -6.98
CA ALA B 38 -27.06 -37.42 -6.45
C ALA B 38 -27.87 -38.69 -6.22
N LEU B 39 -28.59 -39.12 -7.27
CA LEU B 39 -29.37 -40.36 -7.33
C LEU B 39 -30.54 -40.32 -6.33
N ARG B 40 -31.34 -39.24 -6.45
CA ARG B 40 -32.49 -38.87 -5.61
C ARG B 40 -32.14 -38.56 -4.16
N ASN B 41 -30.84 -38.49 -3.80
CA ASN B 41 -30.29 -38.32 -2.46
C ASN B 41 -30.91 -39.41 -1.61
N PRO B 42 -30.43 -40.72 -1.70
CA PRO B 42 -31.21 -41.94 -1.35
C PRO B 42 -32.23 -41.87 -0.22
N ASP B 43 -31.84 -41.26 0.90
CA ASP B 43 -32.77 -40.63 1.83
C ASP B 43 -32.28 -39.20 2.01
N LYS B 44 -33.20 -38.24 2.07
CA LYS B 44 -32.86 -36.83 1.95
C LYS B 44 -32.15 -36.32 3.19
N VAL B 45 -30.97 -36.87 3.48
CA VAL B 45 -30.22 -36.59 4.70
C VAL B 45 -28.76 -36.25 4.39
N PHE B 46 -28.49 -35.54 3.30
CA PHE B 46 -27.10 -35.22 3.02
C PHE B 46 -26.64 -34.02 3.83
N VAL B 47 -25.39 -34.12 4.29
CA VAL B 47 -24.83 -33.21 5.28
C VAL B 47 -23.81 -32.25 4.63
N LEU B 48 -23.21 -32.64 3.50
CA LEU B 48 -22.27 -31.79 2.79
C LEU B 48 -22.81 -31.48 1.40
N LYS B 49 -22.05 -30.70 0.62
CA LYS B 49 -22.59 -30.20 -0.63
C LYS B 49 -21.42 -29.98 -1.61
N MET B 50 -21.69 -29.24 -2.69
CA MET B 50 -20.96 -29.28 -3.94
C MET B 50 -19.75 -28.36 -3.84
N LYS B 51 -19.14 -28.09 -5.00
CA LYS B 51 -18.16 -27.03 -5.16
C LYS B 51 -18.19 -26.64 -6.63
N GLY B 52 -17.47 -25.60 -6.96
CA GLY B 52 -17.48 -25.16 -8.34
C GLY B 52 -16.09 -25.19 -8.93
N THR B 53 -15.96 -25.78 -10.10
CA THR B 53 -14.69 -25.89 -10.80
C THR B 53 -14.76 -25.00 -12.03
N GLU B 54 -13.77 -25.13 -12.91
CA GLU B 54 -13.74 -24.33 -14.13
C GLU B 54 -14.89 -24.69 -15.06
N ARG B 55 -15.22 -25.97 -15.20
CA ARG B 55 -16.22 -26.41 -16.15
C ARG B 55 -17.61 -26.60 -15.55
N THR B 56 -17.80 -26.22 -14.28
CA THR B 56 -19.13 -26.23 -13.64
C THR B 56 -19.61 -24.77 -13.55
N LYS B 57 -20.55 -24.41 -14.43
CA LYS B 57 -21.07 -23.04 -14.46
C LYS B 57 -21.91 -22.73 -13.22
N LEU B 58 -23.05 -23.41 -13.08
CA LEU B 58 -23.99 -23.27 -11.95
C LEU B 58 -24.42 -21.81 -11.72
N VAL B 59 -25.13 -21.26 -12.70
CA VAL B 59 -25.63 -19.88 -12.63
C VAL B 59 -26.63 -19.73 -11.48
N THR B 60 -27.54 -20.68 -11.35
CA THR B 60 -28.58 -20.60 -10.34
C THR B 60 -28.58 -21.87 -9.51
N LEU B 61 -29.02 -21.73 -8.26
CA LEU B 61 -29.26 -22.88 -7.40
C LEU B 61 -30.68 -23.37 -7.57
N SER B 62 -30.83 -24.69 -7.67
CA SER B 62 -32.16 -25.28 -7.65
C SER B 62 -32.79 -25.00 -6.29
N ARG B 63 -34.10 -24.76 -6.31
CA ARG B 63 -34.84 -24.37 -5.11
C ARG B 63 -35.20 -25.56 -4.22
N GLU B 64 -34.86 -26.79 -4.61
CA GLU B 64 -35.08 -27.97 -3.76
C GLU B 64 -33.90 -28.13 -2.81
N ILE B 65 -33.77 -27.15 -1.91
CA ILE B 65 -32.69 -27.11 -0.95
C ILE B 65 -33.19 -27.37 0.47
N VAL B 66 -34.46 -27.04 0.75
CA VAL B 66 -35.07 -27.25 2.07
C VAL B 66 -35.19 -28.75 2.39
N ARG B 67 -35.19 -29.62 1.36
CA ARG B 67 -35.44 -31.05 1.53
C ARG B 67 -34.39 -31.76 2.36
N PHE B 68 -33.15 -31.26 2.37
CA PHE B 68 -32.04 -32.01 2.95
C PHE B 68 -32.09 -32.10 4.46
N GLN B 69 -32.67 -31.09 5.13
CA GLN B 69 -33.14 -31.13 6.52
C GLN B 69 -32.03 -31.24 7.58
N ASN B 70 -30.81 -31.60 7.21
CA ASN B 70 -29.74 -31.71 8.18
C ASN B 70 -28.38 -31.26 7.66
N LEU B 71 -28.37 -30.43 6.61
CA LEU B 71 -27.12 -29.95 6.02
C LEU B 71 -26.36 -29.16 7.06
N LYS B 72 -25.13 -29.56 7.34
CA LYS B 72 -24.30 -28.81 8.27
C LYS B 72 -23.23 -27.97 7.57
N GLU B 73 -22.80 -28.39 6.39
CA GLU B 73 -21.85 -27.65 5.57
C GLU B 73 -22.42 -27.53 4.18
N LEU B 74 -22.24 -26.36 3.56
CA LEU B 74 -22.68 -26.17 2.18
C LEU B 74 -21.66 -25.25 1.53
N ASP B 75 -20.95 -25.76 0.51
CA ASP B 75 -19.86 -25.05 -0.14
C ASP B 75 -20.27 -24.73 -1.58
N LEU B 76 -20.05 -23.49 -1.99
CA LEU B 76 -20.36 -23.03 -3.35
C LEU B 76 -19.19 -22.23 -3.90
N GLU B 77 -17.99 -22.71 -3.64
CA GLU B 77 -16.75 -22.02 -3.97
C GLU B 77 -16.58 -21.91 -5.48
N GLY B 78 -16.40 -20.70 -5.98
CA GLY B 78 -16.06 -20.47 -7.37
C GLY B 78 -17.22 -20.46 -8.35
N ASN B 79 -18.43 -20.79 -7.92
CA ASN B 79 -19.60 -20.85 -8.80
C ASN B 79 -20.04 -19.45 -9.24
N GLN B 80 -20.55 -19.34 -10.47
CA GLN B 80 -21.02 -18.04 -10.95
C GLN B 80 -22.46 -17.78 -10.49
N LEU B 81 -22.61 -17.63 -9.18
CA LEU B 81 -23.90 -17.38 -8.56
C LEU B 81 -24.10 -15.87 -8.44
N LYS B 82 -25.17 -15.35 -9.03
CA LYS B 82 -25.41 -13.90 -9.04
C LYS B 82 -26.61 -13.52 -8.16
N GLU B 83 -27.27 -14.50 -7.57
CA GLU B 83 -28.45 -14.26 -6.74
C GLU B 83 -28.70 -15.52 -5.91
N PHE B 84 -29.35 -15.39 -4.77
CA PHE B 84 -29.69 -16.58 -4.02
C PHE B 84 -31.19 -16.66 -3.80
N PRO B 85 -31.76 -17.88 -3.85
CA PRO B 85 -33.20 -18.00 -3.58
C PRO B 85 -33.57 -17.75 -2.13
N LYS B 86 -34.87 -17.69 -1.87
CA LYS B 86 -35.36 -17.36 -0.55
C LYS B 86 -35.41 -18.59 0.36
N GLU B 87 -35.28 -19.78 -0.22
CA GLU B 87 -35.30 -21.05 0.51
C GLU B 87 -34.03 -21.32 1.31
N ILE B 88 -32.94 -20.63 0.99
CA ILE B 88 -31.67 -20.77 1.70
C ILE B 88 -31.84 -20.39 3.17
N GLY B 89 -32.80 -19.50 3.48
CA GLY B 89 -32.96 -19.00 4.82
C GLY B 89 -33.71 -19.89 5.79
N ASN B 90 -34.57 -20.75 5.27
CA ASN B 90 -35.34 -21.67 6.11
C ASN B 90 -34.57 -22.90 6.49
N LEU B 91 -33.35 -23.08 5.96
CA LEU B 91 -32.51 -24.19 6.38
C LEU B 91 -31.74 -23.75 7.63
N LYS B 92 -32.43 -23.87 8.76
CA LYS B 92 -31.93 -23.48 10.08
C LYS B 92 -31.12 -24.55 10.75
N ASN B 93 -30.91 -25.64 10.04
CA ASN B 93 -30.02 -26.69 10.47
C ASN B 93 -28.65 -26.48 9.85
N LEU B 94 -28.48 -25.43 9.04
CA LEU B 94 -27.21 -25.13 8.40
C LEU B 94 -26.26 -24.49 9.38
N ARG B 95 -25.03 -24.99 9.40
CA ARG B 95 -24.04 -24.55 10.35
C ARG B 95 -22.84 -23.87 9.70
N LYS B 96 -22.45 -24.25 8.49
CA LYS B 96 -21.38 -23.58 7.76
C LYS B 96 -21.90 -23.31 6.36
N LEU B 97 -21.81 -22.07 5.93
CA LEU B 97 -22.17 -21.72 4.56
C LEU B 97 -20.99 -21.00 3.93
N ASP B 98 -20.57 -21.46 2.76
CA ASP B 98 -19.45 -20.84 2.06
C ASP B 98 -19.94 -20.36 0.70
N LEU B 99 -19.99 -19.05 0.54
CA LEU B 99 -20.37 -18.46 -0.73
C LEU B 99 -19.18 -17.79 -1.38
N SER B 100 -17.96 -18.35 -1.20
CA SER B 100 -16.74 -17.70 -1.70
C SER B 100 -16.61 -17.75 -3.21
N GLU B 101 -15.91 -16.73 -3.71
CA GLU B 101 -15.58 -16.53 -5.11
C GLU B 101 -16.79 -16.65 -6.03
N ASN B 102 -17.88 -15.97 -5.65
CA ASN B 102 -19.09 -16.02 -6.42
C ASN B 102 -19.36 -14.59 -6.86
N PRO B 103 -19.62 -14.33 -8.13
CA PRO B 103 -19.85 -12.95 -8.58
C PRO B 103 -21.19 -12.37 -8.15
N LEU B 104 -21.48 -12.36 -6.85
CA LEU B 104 -22.65 -11.70 -6.30
C LEU B 104 -22.24 -10.28 -5.95
N MET B 105 -22.90 -9.30 -6.57
CA MET B 105 -22.49 -7.92 -6.45
C MET B 105 -23.06 -7.28 -5.19
N PHE B 106 -24.03 -7.93 -4.55
CA PHE B 106 -24.70 -7.42 -3.36
C PHE B 106 -24.83 -8.58 -2.38
N PHE B 107 -24.64 -8.29 -1.09
CA PHE B 107 -24.75 -9.33 -0.06
C PHE B 107 -26.16 -9.88 -0.04
N PRO B 108 -26.33 -11.20 -0.07
CA PRO B 108 -27.68 -11.76 -0.01
C PRO B 108 -28.27 -11.65 1.39
N LYS B 109 -29.32 -10.86 1.56
CA LYS B 109 -29.98 -10.81 2.86
C LYS B 109 -30.85 -12.04 3.10
N GLU B 110 -30.99 -12.93 2.11
CA GLU B 110 -31.72 -14.18 2.30
C GLU B 110 -31.08 -15.05 3.37
N ILE B 111 -29.75 -14.96 3.53
CA ILE B 111 -29.05 -15.80 4.50
C ILE B 111 -28.95 -15.15 5.87
N THR B 112 -29.29 -13.86 6.00
CA THR B 112 -29.14 -13.22 7.31
C THR B 112 -30.18 -13.71 8.32
N ASN B 113 -31.18 -14.46 7.88
CA ASN B 113 -32.23 -15.02 8.74
C ASN B 113 -31.81 -16.30 9.43
N LEU B 114 -30.60 -16.80 9.18
CA LEU B 114 -30.09 -17.98 9.85
C LEU B 114 -29.54 -17.53 11.19
N GLU B 115 -30.41 -17.53 12.22
CA GLU B 115 -29.98 -17.07 13.53
C GLU B 115 -28.97 -17.99 14.19
N SER B 116 -28.76 -19.23 13.68
CA SER B 116 -27.72 -20.12 14.21
C SER B 116 -26.86 -20.65 13.05
N LEU B 117 -25.96 -19.80 12.54
CA LEU B 117 -24.94 -20.18 11.56
C LEU B 117 -23.58 -20.03 12.22
N GLU B 118 -22.80 -21.12 12.30
CA GLU B 118 -21.48 -21.05 12.94
C GLU B 118 -20.46 -20.31 12.07
N GLU B 119 -20.40 -20.64 10.77
CA GLU B 119 -19.47 -19.97 9.87
C GLU B 119 -20.17 -19.38 8.67
N LEU B 120 -19.75 -18.17 8.30
CA LEU B 120 -20.15 -17.52 7.06
C LEU B 120 -18.87 -17.05 6.39
N ASN B 121 -18.64 -17.50 5.15
CA ASN B 121 -17.49 -17.13 4.34
C ASN B 121 -18.03 -16.54 3.01
N ILE B 122 -18.14 -15.22 2.99
CA ILE B 122 -18.68 -14.48 1.86
C ILE B 122 -17.54 -13.85 1.03
N SER B 123 -16.31 -14.33 1.21
CA SER B 123 -15.12 -13.77 0.57
C SER B 123 -15.15 -13.89 -0.94
N GLY B 124 -14.36 -13.05 -1.61
CA GLY B 124 -14.23 -13.20 -3.05
C GLY B 124 -15.44 -12.79 -3.85
N THR B 125 -16.40 -12.19 -3.19
CA THR B 125 -17.64 -11.69 -3.75
C THR B 125 -17.59 -10.17 -3.72
N GLU B 126 -17.91 -9.54 -4.84
CA GLU B 126 -17.83 -8.09 -4.91
C GLU B 126 -18.92 -7.46 -4.04
N LEU B 127 -18.54 -6.84 -2.93
CA LEU B 127 -19.48 -6.20 -2.02
C LEU B 127 -19.06 -4.77 -1.74
N THR B 128 -19.90 -3.81 -2.11
CA THR B 128 -19.63 -2.42 -1.79
C THR B 128 -20.05 -2.07 -0.38
N ILE B 129 -21.09 -2.73 0.13
CA ILE B 129 -21.62 -2.45 1.46
C ILE B 129 -21.92 -3.76 2.18
N ILE B 130 -21.63 -3.81 3.47
CA ILE B 130 -21.99 -4.91 4.36
C ILE B 130 -23.39 -4.60 4.88
N PRO B 131 -24.36 -5.53 4.78
CA PRO B 131 -25.75 -5.22 5.11
C PRO B 131 -25.93 -4.85 6.57
N LYS B 132 -26.93 -3.99 6.82
CA LYS B 132 -27.07 -3.46 8.17
C LYS B 132 -27.63 -4.50 9.13
N GLU B 133 -28.40 -5.46 8.61
CA GLU B 133 -29.01 -6.52 9.40
C GLU B 133 -28.09 -7.73 9.59
N ILE B 134 -26.77 -7.55 9.48
CA ILE B 134 -25.85 -8.64 9.75
C ILE B 134 -25.81 -9.00 11.24
N GLY B 135 -26.25 -8.08 12.11
CA GLY B 135 -26.34 -8.37 13.54
C GLY B 135 -27.48 -9.27 13.93
N ASN B 136 -28.41 -9.54 13.01
CA ASN B 136 -29.48 -10.49 13.28
C ASN B 136 -28.97 -11.91 13.43
N MET B 137 -27.82 -12.24 12.82
CA MET B 137 -27.29 -13.60 12.90
C MET B 137 -26.92 -13.99 14.32
N ASN B 138 -25.98 -13.26 14.94
CA ASN B 138 -25.58 -13.27 16.36
C ASN B 138 -25.12 -14.62 16.92
N GLY B 139 -25.07 -15.65 16.06
CA GLY B 139 -24.60 -16.96 16.42
C GLY B 139 -23.38 -17.32 15.60
N LEU B 140 -22.83 -16.34 14.88
CA LEU B 140 -21.64 -16.58 14.08
C LEU B 140 -20.45 -16.87 14.97
N LEU B 141 -19.61 -17.81 14.54
CA LEU B 141 -18.32 -18.05 15.18
C LEU B 141 -17.18 -17.53 14.35
N ARG B 142 -17.15 -17.88 13.06
CA ARG B 142 -16.14 -17.44 12.13
C ARG B 142 -16.83 -16.65 11.04
N LEU B 143 -16.45 -15.39 10.89
CA LEU B 143 -17.00 -14.52 9.86
C LEU B 143 -15.86 -14.06 8.97
N TYR B 144 -15.97 -14.36 7.68
CA TYR B 144 -14.94 -14.09 6.69
C TYR B 144 -15.48 -13.08 5.68
N LEU B 145 -15.21 -11.80 5.93
CA LEU B 145 -15.56 -10.73 5.02
C LEU B 145 -14.39 -10.32 4.13
N ASP B 146 -13.32 -11.10 4.10
CA ASP B 146 -12.10 -10.69 3.42
C ASP B 146 -12.23 -10.75 1.90
N GLU B 147 -11.35 -10.01 1.21
CA GLU B 147 -11.31 -9.85 -0.25
C GLU B 147 -12.63 -9.29 -0.80
N ASN B 148 -13.17 -8.29 -0.13
CA ASN B 148 -14.41 -7.62 -0.48
C ASN B 148 -14.16 -6.12 -0.55
N PRO B 149 -14.67 -5.41 -1.56
CA PRO B 149 -14.38 -3.99 -1.72
C PRO B 149 -15.33 -3.02 -0.99
N PHE B 150 -15.69 -3.35 0.25
CA PHE B 150 -16.58 -2.48 1.02
C PHE B 150 -15.79 -1.41 1.76
N SER B 151 -16.38 -0.22 1.85
CA SER B 151 -15.74 0.91 2.51
C SER B 151 -15.84 0.81 4.03
N GLU B 152 -17.04 0.49 4.54
CA GLU B 152 -17.32 0.57 5.98
C GLU B 152 -18.03 -0.68 6.48
N LEU B 153 -17.90 -0.91 7.79
CA LEU B 153 -18.60 -1.92 8.58
C LEU B 153 -19.73 -1.30 9.39
N PRO B 154 -20.86 -1.99 9.52
CA PRO B 154 -22.02 -1.44 10.24
C PRO B 154 -21.80 -1.32 11.73
N LYS B 155 -22.61 -0.45 12.36
CA LYS B 155 -22.56 -0.32 13.82
C LYS B 155 -23.10 -1.57 14.51
N GLU B 156 -23.93 -2.35 13.82
CA GLU B 156 -24.45 -3.63 14.28
C GLU B 156 -23.44 -4.77 14.16
N ILE B 157 -22.21 -4.50 13.71
CA ILE B 157 -21.17 -5.51 13.72
C ILE B 157 -20.84 -5.92 15.15
N GLY B 158 -21.13 -5.05 16.12
CA GLY B 158 -20.99 -5.39 17.52
C GLY B 158 -22.07 -6.28 18.06
N ASN B 159 -23.20 -6.42 17.36
CA ASN B 159 -24.24 -7.36 17.79
C ASN B 159 -23.79 -8.80 17.67
N LEU B 160 -22.81 -9.10 16.82
CA LEU B 160 -22.24 -10.44 16.68
C LEU B 160 -21.29 -10.67 17.87
N LYS B 161 -21.89 -10.93 19.02
CA LYS B 161 -21.12 -11.06 20.25
C LYS B 161 -20.62 -12.49 20.47
N ASN B 162 -20.99 -13.42 19.61
CA ASN B 162 -20.50 -14.78 19.72
C ASN B 162 -19.39 -15.10 18.74
N VAL B 163 -18.91 -14.10 17.98
CA VAL B 163 -17.91 -14.35 16.94
C VAL B 163 -16.53 -14.49 17.57
N LEU B 164 -15.76 -15.42 17.02
CA LEU B 164 -14.41 -15.75 17.47
C LEU B 164 -13.35 -15.25 16.50
N ARG B 165 -13.56 -15.47 15.20
CA ARG B 165 -12.63 -15.05 14.16
C ARG B 165 -13.39 -14.18 13.17
N LEU B 166 -12.95 -12.94 13.03
CA LEU B 166 -13.45 -12.03 12.00
C LEU B 166 -12.32 -11.74 11.03
N TYR B 167 -12.56 -11.95 9.73
CA TYR B 167 -11.56 -11.70 8.70
C TYR B 167 -11.99 -10.55 7.80
N LEU B 168 -11.16 -9.50 7.76
CA LEU B 168 -11.42 -8.34 6.93
C LEU B 168 -10.25 -8.06 5.99
N SER B 169 -9.51 -9.12 5.63
CA SER B 169 -8.27 -9.00 4.88
C SER B 169 -8.50 -8.45 3.47
N ASN B 170 -7.64 -7.51 3.09
CA ASN B 170 -7.58 -6.93 1.74
C ASN B 170 -8.91 -6.33 1.32
N THR B 171 -9.55 -5.63 2.24
CA THR B 171 -10.80 -4.94 2.01
C THR B 171 -10.51 -3.45 1.95
N PHE B 172 -11.49 -2.67 1.50
CA PHE B 172 -11.30 -1.22 1.41
C PHE B 172 -11.77 -0.52 2.69
N LEU B 173 -11.28 -0.92 3.86
CA LEU B 173 -11.74 -0.35 5.12
C LEU B 173 -10.98 0.94 5.45
N LYS B 174 -11.72 2.05 5.53
CA LYS B 174 -11.13 3.32 5.93
C LYS B 174 -10.82 3.34 7.44
N THR B 175 -11.71 2.76 8.25
CA THR B 175 -11.54 2.72 9.69
C THR B 175 -12.44 1.63 10.27
N LEU B 176 -12.00 1.06 11.43
CA LEU B 176 -12.85 0.14 12.18
C LEU B 176 -13.89 0.95 12.96
N PRO B 177 -15.13 0.45 13.06
CA PRO B 177 -16.17 1.19 13.78
C PRO B 177 -15.92 1.27 15.27
N LYS B 178 -16.65 2.19 15.91
CA LYS B 178 -16.60 2.33 17.36
C LYS B 178 -17.10 1.08 18.08
N GLU B 179 -17.98 0.31 17.44
CA GLU B 179 -18.62 -0.84 18.03
C GLU B 179 -17.83 -2.13 17.86
N ILE B 180 -16.63 -2.07 17.26
CA ILE B 180 -15.82 -3.28 17.10
C ILE B 180 -15.40 -3.83 18.46
N GLY B 181 -15.33 -2.98 19.50
CA GLY B 181 -15.04 -3.44 20.84
C GLY B 181 -16.19 -4.10 21.55
N GLU B 182 -17.36 -4.14 20.91
CA GLU B 182 -18.53 -4.81 21.45
C GLU B 182 -18.57 -6.30 21.14
N MET B 183 -17.56 -6.83 20.43
CA MET B 183 -17.57 -8.22 20.01
C MET B 183 -17.50 -9.18 21.19
N GLN B 184 -16.75 -8.80 22.25
CA GLN B 184 -16.67 -9.34 23.61
C GLN B 184 -16.18 -10.80 23.66
N SER B 185 -16.09 -11.45 22.51
CA SER B 185 -15.66 -12.85 22.39
C SER B 185 -14.72 -13.01 21.21
N LEU B 186 -14.38 -11.92 20.50
CA LEU B 186 -13.45 -11.95 19.38
C LEU B 186 -12.10 -12.47 19.83
N GLU B 187 -11.61 -13.51 19.15
CA GLU B 187 -10.30 -14.09 19.42
C GLU B 187 -9.27 -13.80 18.34
N GLU B 188 -9.71 -13.65 17.10
CA GLU B 188 -8.81 -13.32 16.00
C GLU B 188 -9.45 -12.24 15.15
N LEU B 189 -8.73 -11.15 14.95
CA LEU B 189 -9.12 -10.06 14.07
C LEU B 189 -8.03 -9.90 13.04
N ASN B 190 -8.41 -9.94 11.77
CA ASN B 190 -7.45 -9.83 10.67
C ASN B 190 -7.86 -8.67 9.77
N ALA B 191 -6.92 -7.75 9.53
CA ALA B 191 -7.22 -6.58 8.71
C ALA B 191 -6.10 -6.25 7.71
N THR B 192 -5.43 -7.28 7.19
CA THR B 192 -4.30 -7.07 6.29
C THR B 192 -4.74 -6.50 4.96
N GLY B 193 -3.96 -5.53 4.45
CA GLY B 193 -4.24 -4.92 3.17
C GLY B 193 -5.27 -3.80 3.20
N THR B 194 -5.87 -3.53 4.36
CA THR B 194 -6.86 -2.50 4.53
C THR B 194 -6.21 -1.12 4.59
N SER B 195 -7.00 -0.11 4.24
CA SER B 195 -6.56 1.28 4.29
C SER B 195 -6.83 1.87 5.67
N LEU B 196 -6.31 1.19 6.70
CA LEU B 196 -6.59 1.58 8.08
C LEU B 196 -5.60 2.66 8.48
N SER B 197 -6.06 3.91 8.48
CA SER B 197 -5.22 5.00 8.95
C SER B 197 -5.13 5.02 10.47
N LYS B 198 -6.23 4.72 11.16
CA LYS B 198 -6.30 4.83 12.60
C LYS B 198 -7.00 3.59 13.17
N LEU B 199 -6.73 3.32 14.46
CA LEU B 199 -7.45 2.33 15.25
C LEU B 199 -8.39 3.03 16.23
N PRO B 200 -9.63 2.56 16.38
CA PRO B 200 -10.55 3.18 17.32
C PRO B 200 -10.06 3.01 18.75
N LYS B 201 -10.38 3.97 19.61
CA LYS B 201 -10.00 3.89 21.01
C LYS B 201 -10.75 2.79 21.77
N GLU B 202 -11.79 2.25 21.20
CA GLU B 202 -12.60 1.20 21.81
C GLU B 202 -12.04 -0.19 21.57
N ILE B 203 -11.00 -0.30 20.72
CA ILE B 203 -10.39 -1.59 20.37
C ILE B 203 -9.80 -2.27 21.60
N GLY B 204 -9.46 -1.51 22.64
CA GLY B 204 -8.91 -2.08 23.85
C GLY B 204 -9.92 -2.81 24.69
N ASN B 205 -11.20 -2.74 24.36
CA ASN B 205 -12.21 -3.46 25.13
C ASN B 205 -12.36 -4.92 24.72
N LEU B 206 -11.62 -5.38 23.71
CA LEU B 206 -11.65 -6.78 23.27
C LEU B 206 -10.78 -7.59 24.21
N LYS B 207 -11.41 -8.06 25.30
CA LYS B 207 -10.69 -8.74 26.37
C LYS B 207 -10.22 -10.13 25.98
N ASN B 208 -10.91 -10.80 25.06
CA ASN B 208 -10.60 -12.18 24.67
C ASN B 208 -9.78 -12.27 23.38
N LEU B 209 -9.30 -11.15 22.85
CA LEU B 209 -8.57 -11.13 21.58
C LEU B 209 -7.20 -11.77 21.72
N SER B 210 -6.91 -12.74 20.85
CA SER B 210 -5.66 -13.51 20.89
C SER B 210 -4.72 -13.19 19.73
N ASN B 211 -5.28 -13.03 18.53
CA ASN B 211 -4.56 -12.77 17.29
C ASN B 211 -5.10 -11.47 16.73
N LEU B 212 -4.24 -10.48 16.60
CA LEU B 212 -4.60 -9.23 15.97
C LEU B 212 -3.65 -9.06 14.80
N ASN B 213 -4.19 -8.83 13.62
CA ASN B 213 -3.37 -8.70 12.42
C ASN B 213 -3.65 -7.38 11.71
N LEU B 214 -2.74 -6.42 11.84
CA LEU B 214 -2.80 -5.16 11.10
C LEU B 214 -1.62 -5.00 10.15
N SER B 215 -1.13 -6.11 9.61
CA SER B 215 -0.05 -6.08 8.63
C SER B 215 -0.51 -5.38 7.35
N ARG B 216 0.42 -4.74 6.66
CA ARG B 216 0.22 -4.08 5.35
C ARG B 216 -0.82 -2.97 5.39
N THR B 217 -1.04 -2.39 6.57
CA THR B 217 -1.99 -1.30 6.77
C THR B 217 -1.28 0.03 6.63
N GLU B 218 -1.95 1.11 7.02
CA GLU B 218 -1.38 2.45 7.00
C GLU B 218 -1.52 3.13 8.36
N LEU B 219 -1.29 2.38 9.44
CA LEU B 219 -1.41 2.93 10.78
C LEU B 219 -0.21 3.82 11.08
N THR B 220 -0.44 5.13 11.26
CA THR B 220 0.65 6.01 11.68
C THR B 220 1.09 5.71 13.11
N THR B 221 0.14 5.40 13.99
CA THR B 221 0.46 5.06 15.37
C THR B 221 -0.69 4.27 15.96
N LEU B 222 -0.43 3.65 17.11
CA LEU B 222 -1.40 2.91 17.88
C LEU B 222 -1.97 3.80 18.97
N PRO B 223 -3.28 3.69 19.24
CA PRO B 223 -3.88 4.48 20.32
C PRO B 223 -3.36 4.00 21.66
N LYS B 224 -3.40 4.90 22.66
CA LYS B 224 -2.96 4.52 24.01
C LYS B 224 -3.87 3.46 24.62
N GLU B 225 -5.10 3.33 24.15
CA GLU B 225 -6.02 2.30 24.62
C GLU B 225 -5.67 0.91 24.15
N ILE B 226 -4.56 0.72 23.41
CA ILE B 226 -4.15 -0.60 22.94
C ILE B 226 -3.78 -1.54 24.10
N GLY B 227 -3.48 -0.99 25.27
CA GLY B 227 -3.08 -1.77 26.43
C GLY B 227 -4.18 -2.58 27.09
N GLY B 228 -5.44 -2.35 26.71
CA GLY B 228 -6.53 -3.12 27.26
C GLY B 228 -6.65 -4.54 26.70
N LEU B 229 -5.86 -4.86 25.68
CA LEU B 229 -5.89 -6.19 25.06
C LEU B 229 -5.13 -7.19 25.93
N ARG B 230 -5.78 -7.59 27.03
CA ARG B 230 -5.14 -8.38 28.07
C ARG B 230 -4.76 -9.78 27.62
N ASN B 231 -5.44 -10.34 26.62
CA ASN B 231 -5.23 -11.72 26.22
C ASN B 231 -4.46 -11.86 24.89
N VAL B 232 -3.93 -10.77 24.33
CA VAL B 232 -3.23 -10.83 23.05
C VAL B 232 -1.90 -11.55 23.19
N ARG B 233 -1.71 -12.60 22.39
CA ARG B 233 -0.47 -13.36 22.30
C ARG B 233 0.39 -12.90 21.13
N LEU B 234 -0.21 -12.77 19.96
CA LEU B 234 0.49 -12.45 18.72
C LEU B 234 -0.09 -11.15 18.17
N LEU B 235 0.77 -10.16 17.96
CA LEU B 235 0.38 -8.87 17.40
C LEU B 235 1.18 -8.66 16.12
N TYR B 236 0.49 -8.44 15.01
CA TYR B 236 1.12 -8.35 13.69
C TYR B 236 0.91 -6.95 13.14
N LEU B 237 2.00 -6.19 12.99
CA LEU B 237 1.96 -4.83 12.51
C LEU B 237 2.99 -4.55 11.43
N GLU B 238 3.46 -5.59 10.73
CA GLU B 238 4.57 -5.44 9.80
C GLU B 238 4.13 -4.74 8.52
N THR B 239 5.13 -4.19 7.82
CA THR B 239 5.01 -3.53 6.51
C THR B 239 3.93 -2.44 6.49
N SER B 240 3.83 -1.71 7.60
CA SER B 240 2.86 -0.64 7.78
C SER B 240 3.60 0.67 7.95
N ARG B 241 2.86 1.77 7.99
CA ARG B 241 3.50 3.08 8.16
C ARG B 241 3.52 3.53 9.63
N LEU B 242 4.00 2.68 10.54
CA LEU B 242 4.12 3.03 11.96
C LEU B 242 5.36 3.88 12.20
N GLU B 243 5.17 5.08 12.74
CA GLU B 243 6.27 5.96 13.10
C GLU B 243 6.71 5.84 14.55
N LEU B 244 5.78 5.52 15.47
CA LEU B 244 6.08 5.48 16.89
C LEU B 244 5.18 4.44 17.54
N LEU B 245 5.59 3.99 18.73
CA LEU B 245 4.81 3.10 19.57
C LEU B 245 4.38 3.83 20.85
N PRO B 246 3.12 3.67 21.26
CA PRO B 246 2.62 4.40 22.43
C PRO B 246 3.25 3.95 23.73
N LYS B 247 3.15 4.83 24.73
CA LYS B 247 3.66 4.55 26.08
C LYS B 247 2.87 3.46 26.79
N GLU B 248 1.69 3.10 26.30
CA GLU B 248 0.86 2.11 26.97
C GLU B 248 0.87 0.74 26.27
N ILE B 249 1.80 0.51 25.34
CA ILE B 249 1.89 -0.82 24.70
C ILE B 249 2.41 -1.88 25.69
N GLY B 250 3.24 -1.49 26.67
CA GLY B 250 3.84 -2.40 27.63
C GLY B 250 2.90 -2.94 28.67
N ASN B 251 1.66 -2.44 28.73
CA ASN B 251 0.66 -3.03 29.60
C ASN B 251 0.19 -4.40 29.11
N LEU B 252 0.65 -4.85 27.94
CA LEU B 252 0.29 -6.13 27.36
C LEU B 252 1.26 -7.17 27.91
N ARG B 253 0.96 -7.68 29.11
CA ARG B 253 1.84 -8.65 29.74
C ARG B 253 1.72 -10.05 29.13
N ASN B 254 0.67 -10.31 28.34
CA ASN B 254 0.49 -11.60 27.67
C ASN B 254 1.06 -11.66 26.26
N LEU B 255 1.63 -10.57 25.75
CA LEU B 255 2.16 -10.55 24.39
C LEU B 255 3.47 -11.35 24.31
N GLU B 256 3.55 -12.24 23.32
CA GLU B 256 4.73 -13.08 23.12
C GLU B 256 5.50 -12.80 21.84
N GLU B 257 4.82 -12.54 20.73
CA GLU B 257 5.46 -12.29 19.44
C GLU B 257 4.99 -10.95 18.89
N LEU B 258 5.94 -10.09 18.53
CA LEU B 258 5.61 -8.77 18.02
C LEU B 258 6.37 -8.56 16.71
N TYR B 259 5.63 -8.38 15.62
CA TYR B 259 6.18 -8.16 14.29
C TYR B 259 5.91 -6.72 13.88
N LEU B 260 6.96 -5.92 13.77
CA LEU B 260 6.86 -4.51 13.40
C LEU B 260 7.76 -4.16 12.23
N TYR B 261 8.13 -5.14 11.41
CA TYR B 261 9.17 -4.90 10.44
C TYR B 261 8.68 -4.12 9.23
N GLN B 262 9.66 -3.51 8.54
CA GLN B 262 9.47 -2.69 7.36
C GLN B 262 8.46 -1.58 7.63
N ASN B 263 8.61 -0.95 8.79
CA ASN B 263 7.84 0.22 9.16
C ASN B 263 8.81 1.38 9.29
N ARG B 264 8.31 2.53 9.75
CA ARG B 264 9.11 3.74 9.82
C ARG B 264 9.40 4.19 11.26
N ILE B 265 9.49 3.22 12.18
CA ILE B 265 9.67 3.51 13.60
C ILE B 265 11.07 4.08 13.83
N THR B 266 11.15 5.20 14.57
CA THR B 266 12.43 5.83 14.86
C THR B 266 12.95 5.57 16.27
N GLU B 267 12.06 5.29 17.24
CA GLU B 267 12.52 4.98 18.57
C GLU B 267 11.47 4.10 19.26
N LEU B 268 11.91 3.41 20.30
CA LEU B 268 11.05 2.58 21.11
C LEU B 268 10.86 3.21 22.49
N PRO B 269 9.67 3.10 23.08
CA PRO B 269 9.46 3.65 24.43
C PRO B 269 10.23 2.86 25.48
N LYS B 270 10.55 3.54 26.59
CA LYS B 270 11.32 2.93 27.67
C LYS B 270 10.59 1.79 28.34
N GLU B 271 9.26 1.81 28.30
CA GLU B 271 8.41 0.82 28.92
C GLU B 271 8.25 -0.47 28.11
N ILE B 272 8.94 -0.59 26.96
CA ILE B 272 8.94 -1.82 26.16
C ILE B 272 9.50 -3.03 26.94
N GLY B 273 10.27 -2.77 28.00
CA GLY B 273 10.76 -3.84 28.85
C GLY B 273 9.71 -4.46 29.73
N ASN B 274 8.49 -3.90 29.76
CA ASN B 274 7.41 -4.44 30.58
C ASN B 274 6.75 -5.67 29.97
N LEU B 275 7.14 -6.06 28.76
CA LEU B 275 6.59 -7.24 28.07
C LEU B 275 7.25 -8.48 28.65
N GLN B 276 6.64 -8.99 29.74
CA GLN B 276 7.22 -10.08 30.53
C GLN B 276 7.40 -11.36 29.73
N ASN B 277 6.38 -11.73 28.95
CA ASN B 277 6.33 -12.98 28.22
C ASN B 277 6.79 -12.88 26.77
N LEU B 278 7.25 -11.70 26.31
CA LEU B 278 7.69 -11.50 24.94
C LEU B 278 8.92 -12.34 24.65
N LYS B 279 8.84 -13.17 23.60
CA LYS B 279 9.94 -14.02 23.20
C LYS B 279 10.41 -13.80 21.77
N LEU B 280 9.67 -13.05 20.95
CA LEU B 280 10.09 -12.75 19.60
C LEU B 280 9.75 -11.29 19.29
N LEU B 281 10.77 -10.51 18.96
CA LEU B 281 10.57 -9.12 18.52
C LEU B 281 11.29 -8.92 17.19
N HIS B 282 10.55 -8.45 16.20
CA HIS B 282 11.10 -8.31 14.86
C HIS B 282 11.06 -6.83 14.48
N LEU B 283 12.23 -6.22 14.29
CA LEU B 283 12.28 -4.79 14.08
C LEU B 283 13.11 -4.45 12.85
N ASN B 284 12.95 -5.22 11.78
CA ASN B 284 13.71 -4.98 10.56
C ASN B 284 13.17 -3.78 9.79
N GLY B 285 14.07 -3.04 9.16
CA GLY B 285 13.68 -2.02 8.22
C GLY B 285 13.10 -0.76 8.81
N ASN B 286 13.23 -0.57 10.13
CA ASN B 286 12.77 0.66 10.75
C ASN B 286 13.90 1.70 10.75
N LEU B 287 13.61 2.89 11.26
CA LEU B 287 14.58 3.97 11.32
C LEU B 287 15.19 4.14 12.70
N LEU B 288 15.27 3.03 13.46
CA LEU B 288 15.77 3.06 14.84
C LEU B 288 17.22 3.49 14.90
N GLU B 289 17.54 4.41 15.82
CA GLU B 289 18.90 4.84 16.05
C GLU B 289 19.47 4.41 17.40
N THR B 290 18.61 4.08 18.36
CA THR B 290 19.06 3.65 19.68
C THR B 290 17.94 2.83 20.31
N LEU B 291 18.30 2.02 21.30
CA LEU B 291 17.30 1.26 22.01
C LEU B 291 17.38 1.61 23.49
N PRO B 292 16.25 1.60 24.21
CA PRO B 292 16.26 1.89 25.65
C PRO B 292 17.03 0.83 26.41
N LYS B 293 17.62 1.24 27.54
CA LYS B 293 18.36 0.31 28.39
C LYS B 293 17.46 -0.69 29.10
N GLU B 294 16.15 -0.48 29.09
CA GLU B 294 15.19 -1.35 29.76
C GLU B 294 14.92 -2.63 28.98
N ILE B 295 15.44 -2.74 27.76
CA ILE B 295 15.24 -3.95 26.95
C ILE B 295 15.99 -5.14 27.54
N GLY B 296 16.97 -4.92 28.41
CA GLY B 296 17.64 -5.99 29.12
C GLY B 296 16.80 -6.63 30.21
N ASN B 297 15.67 -6.02 30.55
CA ASN B 297 14.70 -6.60 31.48
C ASN B 297 13.90 -7.73 30.85
N LEU B 298 14.05 -7.96 29.54
CA LEU B 298 13.34 -8.99 28.80
C LEU B 298 14.07 -10.31 28.99
N LYS B 299 13.71 -11.02 30.07
CA LYS B 299 14.35 -12.29 30.39
C LYS B 299 13.96 -13.40 29.42
N ASN B 300 12.71 -13.40 28.94
CA ASN B 300 12.21 -14.44 28.03
C ASN B 300 12.34 -14.11 26.55
N LEU B 301 12.90 -12.95 26.19
CA LEU B 301 13.08 -12.58 24.78
C LEU B 301 14.15 -13.46 24.16
N LYS B 302 13.70 -14.43 23.36
CA LYS B 302 14.63 -15.37 22.74
C LYS B 302 15.25 -14.83 21.46
N LEU B 303 14.47 -14.12 20.63
CA LEU B 303 14.92 -13.68 19.32
C LEU B 303 14.63 -12.19 19.14
N LEU B 304 15.64 -11.44 18.68
CA LEU B 304 15.54 -10.01 18.42
C LEU B 304 16.15 -9.76 17.04
N HIS B 305 15.32 -9.28 16.12
CA HIS B 305 15.75 -8.89 14.78
C HIS B 305 15.88 -7.38 14.68
N LEU B 306 17.07 -6.90 14.31
CA LEU B 306 17.34 -5.47 14.23
C LEU B 306 18.06 -5.09 12.95
N SER B 307 18.05 -5.96 11.94
CA SER B 307 18.75 -5.67 10.70
C SER B 307 18.04 -4.55 9.95
N LYS B 308 18.81 -3.91 9.04
CA LYS B 308 18.36 -2.79 8.20
C LYS B 308 17.84 -1.61 9.03
N ASN B 309 18.52 -1.34 10.14
CA ASN B 309 18.23 -0.21 11.02
C ASN B 309 19.53 0.56 11.27
N ARG B 310 19.39 1.85 11.54
CA ARG B 310 20.54 2.74 11.67
C ARG B 310 21.14 2.62 13.06
N PHE B 311 21.97 1.59 13.26
CA PHE B 311 22.65 1.37 14.52
C PHE B 311 24.15 1.59 14.33
N SER B 312 24.72 2.52 15.09
CA SER B 312 26.16 2.73 15.07
C SER B 312 26.84 1.52 15.68
N PRO B 313 28.07 1.19 15.27
CA PRO B 313 28.76 0.00 15.79
C PRO B 313 28.97 0.00 17.30
N GLU B 314 29.15 1.19 17.91
CA GLU B 314 29.30 1.28 19.36
C GLU B 314 28.02 0.88 20.08
N GLU B 315 26.86 1.31 19.58
CA GLU B 315 25.61 0.96 20.22
C GLU B 315 25.23 -0.50 19.98
N ARG B 316 25.66 -1.07 18.84
CA ARG B 316 25.42 -2.48 18.56
C ARG B 316 26.04 -3.37 19.62
N LYS B 317 27.23 -3.00 20.10
CA LYS B 317 27.84 -3.72 21.22
C LYS B 317 26.99 -3.61 22.47
N ARG B 318 26.40 -2.43 22.72
CA ARG B 318 25.53 -2.23 23.89
C ARG B 318 24.27 -3.09 23.80
N ILE B 319 23.67 -3.23 22.61
CA ILE B 319 22.49 -4.06 22.46
C ILE B 319 22.83 -5.52 22.71
N ARG B 320 23.98 -5.98 22.19
CA ARG B 320 24.48 -7.31 22.50
C ARG B 320 24.80 -7.45 23.99
N GLN B 321 25.34 -6.38 24.60
CA GLN B 321 25.68 -6.39 26.03
C GLN B 321 24.44 -6.53 26.90
N LEU B 322 23.36 -5.82 26.54
CA LEU B 322 22.17 -5.79 27.38
C LEU B 322 21.44 -7.13 27.39
N LEU B 323 21.14 -7.68 26.22
CA LEU B 323 20.54 -9.00 26.11
C LEU B 323 21.56 -10.07 25.72
N PRO B 324 22.14 -10.83 26.67
CA PRO B 324 23.11 -11.84 26.27
C PRO B 324 22.55 -13.22 25.98
N ASN B 325 21.45 -13.62 26.63
CA ASN B 325 20.77 -14.90 26.42
C ASN B 325 19.99 -14.98 25.10
N CYS B 326 19.87 -13.86 24.39
CA CYS B 326 19.04 -13.74 23.21
C CYS B 326 19.82 -14.06 21.94
N GLU B 327 19.17 -14.76 21.00
CA GLU B 327 19.71 -14.89 19.65
C GLU B 327 19.35 -13.60 18.92
N ILE B 328 20.35 -12.80 18.59
CA ILE B 328 20.09 -11.48 18.04
C ILE B 328 20.74 -11.35 16.66
N TYR B 329 20.01 -10.80 15.71
CA TYR B 329 20.48 -10.68 14.34
C TYR B 329 20.44 -9.22 13.91
N PHE B 330 21.57 -8.74 13.38
CA PHE B 330 21.69 -7.37 12.89
C PHE B 330 21.82 -7.38 11.37
#